data_9N95
#
_entry.id   9N95
#
_cell.length_a   1.00
_cell.length_b   1.00
_cell.length_c   1.00
_cell.angle_alpha   90.00
_cell.angle_beta   90.00
_cell.angle_gamma   90.00
#
_symmetry.space_group_name_H-M   'P 1'
#
_entity_poly.entity_id   1
_entity_poly.type   'polypeptide(L)'
_entity_poly.pdbx_seq_one_letter_code
;MMDSPFLELWQSKAVSIREQLGLGDRPNDSYCYNSAKNSTVLQGVTFGGIPTMLLIDVSCFLFLILVFSIIRRRFWDYGR
IALVSEADSESRFQRLSSTSSSGQQDFENELGCCPWLTAIFRLHDDQILEWCGEDAIHYLSFQRHIIFLLVVVSFLSLCV
ILPVNLSGDLLDKDPYSFGRTTIANLQTDNDLLWLHTIFAVIYLFLTVGFMRHHTQSIKYKEENLVRRTLFITGLPRDAR
KETVESHFRDAYPTCEVVDVQLCYNVAKLIYLCKEKKKTEKSLTYYTNLQVKTGQRTLINPKPCGQFCCCEVLGCEWEDA
ISYYTRMKDRLLERITEEERHVQDQPLGMAFVTFQEKSMATYILKDFNACKCQSLQCKGEPQPSSHSRELYTSKWTVTFA
ADPEDICWKNLSIQGLRWWLQWLGINFTLFLGLFFLTTPSIILSTMDKFNVTKPIHALNNPIISQFFPTLLLWSFSALLP
SIVYYSTLLESHWTKSGENQIMMTKVYIFLIFMVLILPSLGLTSLDFFFRWLFDKTSSEASIRLECVFLPDQGAFFVNYV
IASAFIGNGMELLRLPGLILYTFRMIMAKTAADRRNVKQNQAFQYEFGAMYAWMLCVFTVIVAYSITCPIIAPFGLIYIL
LKHMVDRHNLYFVYLPAKLEKGIHFAAVNQALAAPILCLFWLYFFSFLRLGMKAPATLFTFLVLLLTILVCLAHTCFGCF
KHLSPLNYKTEEPASDKGSEAEAHMPPPFTPYVPRILNGLASERTALSPQQQQQQTYGAIHNISGTIPGQCLAQSATGSV
AAAPQEA
;
_entity_poly.pdbx_strand_id   A
#
# COMPACT_ATOMS: atom_id res chain seq x y z
N THR A 46 4.91 20.72 -29.33
CA THR A 46 5.13 20.57 -27.90
C THR A 46 4.55 19.26 -27.40
N PHE A 47 3.32 18.97 -27.80
CA PHE A 47 2.60 17.76 -27.41
C PHE A 47 2.58 17.61 -25.89
N GLY A 48 2.38 18.74 -25.23
CA GLY A 48 2.31 18.77 -23.78
C GLY A 48 3.60 18.36 -23.10
N GLY A 49 4.72 18.50 -23.80
CA GLY A 49 6.02 18.19 -23.23
C GLY A 49 6.30 16.71 -23.15
N ILE A 50 5.41 15.89 -23.71
CA ILE A 50 5.63 14.44 -23.69
C ILE A 50 6.90 14.03 -24.42
N PRO A 51 7.22 14.55 -25.61
CA PRO A 51 8.48 14.13 -26.25
C PRO A 51 9.73 14.43 -25.42
N THR A 52 9.84 15.65 -24.91
CA THR A 52 11.02 16.01 -24.11
C THR A 52 11.06 15.19 -22.82
N MET A 53 9.90 15.00 -22.18
CA MET A 53 9.86 14.22 -20.94
C MET A 53 10.28 12.78 -21.20
N LEU A 54 9.80 12.21 -22.30
CA LEU A 54 10.16 10.85 -22.70
C LEU A 54 11.64 10.73 -22.99
N LEU A 55 12.20 11.72 -23.70
CA LEU A 55 13.63 11.69 -24.00
C LEU A 55 14.46 11.72 -22.73
N ILE A 56 14.10 12.62 -21.80
CA ILE A 56 14.83 12.73 -20.54
C ILE A 56 14.73 11.42 -19.76
N ASP A 57 13.53 10.85 -19.68
CA ASP A 57 13.36 9.62 -18.91
C ASP A 57 14.08 8.44 -19.55
N VAL A 58 14.09 8.37 -20.88
CA VAL A 58 14.80 7.28 -21.55
C VAL A 58 16.30 7.40 -21.30
N SER A 59 16.83 8.63 -21.39
CA SER A 59 18.25 8.82 -21.13
C SER A 59 18.60 8.47 -19.69
N CYS A 60 17.74 8.88 -18.74
CA CYS A 60 18.00 8.58 -17.34
C CYS A 60 17.94 7.07 -17.08
N PHE A 61 16.97 6.38 -17.67
CA PHE A 61 16.85 4.94 -17.46
C PHE A 61 18.04 4.21 -18.07
N LEU A 62 18.47 4.63 -19.26
CA LEU A 62 19.64 3.99 -19.87
C LEU A 62 20.90 4.25 -19.04
N PHE A 63 21.05 5.46 -18.51
CA PHE A 63 22.20 5.74 -17.66
C PHE A 63 22.16 4.91 -16.39
N LEU A 64 20.98 4.74 -15.80
CA LEU A 64 20.85 3.92 -14.61
C LEU A 64 21.17 2.46 -14.91
N ILE A 65 20.74 1.97 -16.07
CA ILE A 65 21.07 0.60 -16.47
C ILE A 65 22.57 0.44 -16.65
N LEU A 66 23.23 1.45 -17.23
CA LEU A 66 24.68 1.41 -17.35
C LEU A 66 25.34 1.38 -15.97
N VAL A 67 24.83 2.19 -15.04
CA VAL A 67 25.38 2.20 -13.69
C VAL A 67 25.23 0.84 -13.03
N PHE A 68 24.05 0.21 -13.18
CA PHE A 68 23.87 -1.12 -12.64
C PHE A 68 24.83 -2.11 -13.28
N SER A 69 24.98 -2.04 -14.60
CA SER A 69 25.89 -2.92 -15.33
C SER A 69 27.30 -2.83 -14.77
N ILE A 70 27.71 -1.63 -14.39
CA ILE A 70 29.09 -1.41 -13.93
C ILE A 70 29.26 -1.55 -12.42
N ILE A 71 28.20 -1.61 -11.62
CA ILE A 71 28.39 -1.69 -10.18
C ILE A 71 27.85 -2.96 -9.55
N ARG A 72 27.00 -3.71 -10.28
CA ARG A 72 26.30 -4.84 -9.69
C ARG A 72 27.27 -5.90 -9.16
N ARG A 73 28.31 -6.19 -9.94
CA ARG A 73 29.26 -7.22 -9.53
C ARG A 73 30.42 -6.61 -8.72
N ARG A 74 30.72 -5.33 -8.96
CA ARG A 74 31.86 -4.71 -8.31
C ARG A 74 31.58 -4.38 -6.85
N PHE A 75 30.36 -3.92 -6.55
CA PHE A 75 30.03 -3.50 -5.19
C PHE A 75 29.42 -4.64 -4.37
N TRP A 76 28.28 -5.16 -4.82
CA TRP A 76 27.56 -6.16 -4.05
C TRP A 76 28.20 -7.54 -4.17
N ASP A 77 28.91 -7.80 -5.27
CA ASP A 77 29.62 -9.06 -5.49
C ASP A 77 28.66 -10.26 -5.47
N TYR A 78 27.71 -10.24 -6.40
CA TYR A 78 26.80 -11.36 -6.62
C TYR A 78 26.48 -11.54 -8.10
N PRO A 115 24.90 -11.60 -18.71
CA PRO A 115 24.46 -10.58 -17.77
C PRO A 115 23.22 -10.99 -17.00
N TRP A 116 22.31 -10.04 -16.78
CA TRP A 116 21.06 -10.29 -16.09
C TRP A 116 19.84 -10.19 -17.01
N LEU A 117 19.97 -9.54 -18.16
CA LEU A 117 18.87 -9.48 -19.10
C LEU A 117 18.54 -10.87 -19.64
N THR A 118 19.55 -11.66 -19.96
CA THR A 118 19.31 -13.03 -20.38
C THR A 118 18.68 -13.83 -19.25
N ALA A 119 19.07 -13.54 -18.01
CA ALA A 119 18.43 -14.19 -16.87
C ALA A 119 16.94 -13.86 -16.82
N ILE A 120 16.59 -12.59 -17.05
CA ILE A 120 15.18 -12.19 -17.04
C ILE A 120 14.42 -12.92 -18.14
N PHE A 121 14.99 -12.97 -19.34
CA PHE A 121 14.28 -13.52 -20.50
C PHE A 121 14.39 -15.03 -20.60
N ARG A 122 15.17 -15.68 -19.72
CA ARG A 122 15.38 -17.11 -19.88
C ARG A 122 14.94 -17.88 -18.64
N LEU A 123 14.79 -17.21 -17.50
CA LEU A 123 14.43 -17.90 -16.27
C LEU A 123 12.98 -18.34 -16.36
N HIS A 124 12.77 -19.65 -16.49
CA HIS A 124 11.43 -20.22 -16.63
C HIS A 124 10.67 -20.15 -15.32
N ASP A 125 9.39 -20.50 -15.38
CA ASP A 125 8.50 -20.37 -14.23
C ASP A 125 8.66 -21.50 -13.21
N ASP A 126 9.35 -22.58 -13.56
CA ASP A 126 9.70 -23.61 -12.58
C ASP A 126 10.88 -23.22 -11.71
N GLN A 127 11.88 -22.55 -12.30
CA GLN A 127 12.99 -22.06 -11.51
C GLN A 127 12.51 -21.05 -10.48
N ILE A 128 11.78 -20.02 -10.93
CA ILE A 128 11.26 -19.04 -9.97
C ILE A 128 10.28 -19.67 -8.99
N LEU A 129 9.87 -20.92 -9.23
CA LEU A 129 9.11 -21.66 -8.23
C LEU A 129 10.04 -22.27 -7.18
N GLU A 130 11.14 -22.90 -7.62
CA GLU A 130 12.08 -23.48 -6.67
C GLU A 130 12.86 -22.41 -5.93
N TRP A 131 13.66 -21.64 -6.67
CA TRP A 131 14.33 -20.45 -6.13
C TRP A 131 13.25 -19.41 -5.85
N CYS A 132 13.11 -19.01 -4.59
CA CYS A 132 12.05 -18.12 -4.10
C CYS A 132 10.73 -18.85 -4.03
N GLY A 133 9.96 -18.61 -2.98
CA GLY A 133 8.80 -19.43 -2.70
C GLY A 133 7.66 -19.21 -3.66
N GLU A 134 6.57 -19.94 -3.42
CA GLU A 134 5.37 -19.82 -4.24
C GLU A 134 4.81 -18.41 -4.24
N ASP A 135 5.15 -17.61 -3.22
CA ASP A 135 4.72 -16.22 -3.15
C ASP A 135 5.20 -15.47 -4.38
N ALA A 136 6.44 -15.73 -4.80
CA ALA A 136 6.93 -15.12 -6.04
C ALA A 136 6.10 -15.56 -7.24
N ILE A 137 5.73 -16.84 -7.28
CA ILE A 137 4.92 -17.33 -8.40
C ILE A 137 3.59 -16.58 -8.47
N HIS A 138 2.92 -16.42 -7.32
CA HIS A 138 1.64 -15.71 -7.32
C HIS A 138 1.83 -14.24 -7.66
N TYR A 139 2.91 -13.63 -7.18
CA TYR A 139 3.16 -12.22 -7.47
C TYR A 139 3.40 -12.00 -8.96
N LEU A 140 4.20 -12.87 -9.59
CA LEU A 140 4.41 -12.76 -11.03
C LEU A 140 3.15 -13.13 -11.80
N SER A 141 2.30 -13.99 -11.26
CA SER A 141 1.02 -14.25 -11.92
C SER A 141 0.16 -12.99 -11.93
N PHE A 142 0.12 -12.28 -10.80
CA PHE A 142 -0.58 -11.00 -10.76
C PHE A 142 0.03 -10.01 -11.75
N GLN A 143 1.36 -9.96 -11.80
CA GLN A 143 2.03 -9.04 -12.72
C GLN A 143 1.68 -9.37 -14.16
N ARG A 144 1.68 -10.66 -14.53
CA ARG A 144 1.37 -11.06 -15.88
C ARG A 144 -0.08 -10.74 -16.23
N HIS A 145 -0.99 -10.96 -15.29
CA HIS A 145 -2.39 -10.61 -15.54
C HIS A 145 -2.53 -9.10 -15.74
N ILE A 146 -1.77 -8.31 -14.98
CA ILE A 146 -1.79 -6.87 -15.18
C ILE A 146 -1.21 -6.51 -16.55
N ILE A 147 -0.16 -7.21 -16.98
CA ILE A 147 0.38 -6.98 -18.32
C ILE A 147 -0.69 -7.19 -19.37
N PHE A 148 -1.41 -8.31 -19.29
CA PHE A 148 -2.41 -8.63 -20.30
C PHE A 148 -3.59 -7.66 -20.24
N LEU A 149 -4.03 -7.32 -19.03
CA LEU A 149 -5.12 -6.36 -18.90
C LEU A 149 -4.74 -5.00 -19.48
N LEU A 150 -3.52 -4.55 -19.20
CA LEU A 150 -3.06 -3.28 -19.74
C LEU A 150 -2.87 -3.36 -21.25
N VAL A 151 -2.46 -4.51 -21.78
CA VAL A 151 -2.39 -4.67 -23.23
C VAL A 151 -3.77 -4.51 -23.86
N VAL A 152 -4.77 -5.17 -23.27
CA VAL A 152 -6.11 -5.12 -23.83
C VAL A 152 -6.67 -3.70 -23.76
N VAL A 153 -6.50 -3.03 -22.61
CA VAL A 153 -7.03 -1.68 -22.49
C VAL A 153 -6.26 -0.71 -23.37
N SER A 154 -4.96 -0.95 -23.58
CA SER A 154 -4.18 -0.07 -24.44
C SER A 154 -4.62 -0.19 -25.89
N PHE A 155 -4.83 -1.41 -26.36
CA PHE A 155 -5.35 -1.59 -27.70
C PHE A 155 -6.74 -0.97 -27.83
N LEU A 156 -7.64 -1.32 -26.92
CA LEU A 156 -9.02 -0.82 -26.96
C LEU A 156 -9.09 0.68 -26.71
N SER A 157 -8.01 1.30 -26.23
CA SER A 157 -7.96 2.74 -26.08
C SER A 157 -7.43 3.40 -27.34
N LEU A 158 -6.17 3.11 -27.72
CA LEU A 158 -5.55 3.76 -28.86
C LEU A 158 -6.23 3.44 -30.17
N CYS A 159 -7.08 2.41 -30.22
CA CYS A 159 -7.76 2.13 -31.47
C CYS A 159 -9.09 2.86 -31.60
N VAL A 160 -9.83 3.07 -30.52
CA VAL A 160 -11.17 3.61 -30.66
C VAL A 160 -11.42 4.89 -29.87
N ILE A 161 -10.97 4.95 -28.60
CA ILE A 161 -11.41 6.11 -27.82
C ILE A 161 -10.49 7.29 -28.12
N LEU A 162 -9.33 7.02 -28.70
CA LEU A 162 -8.44 8.10 -29.09
C LEU A 162 -8.92 8.81 -30.35
N PRO A 163 -9.35 8.09 -31.41
CA PRO A 163 -9.98 8.81 -32.54
C PRO A 163 -11.24 9.56 -32.13
N VAL A 164 -12.00 9.03 -31.17
CA VAL A 164 -13.20 9.72 -30.68
C VAL A 164 -12.84 11.09 -30.13
N ASN A 165 -11.80 11.14 -29.29
CA ASN A 165 -11.35 12.43 -28.76
C ASN A 165 -10.75 13.31 -29.85
N LEU A 166 -10.02 12.70 -30.78
CA LEU A 166 -9.40 13.47 -31.85
C LEU A 166 -10.44 14.13 -32.74
N SER A 167 -11.63 13.55 -32.84
CA SER A 167 -12.72 14.12 -33.64
C SER A 167 -13.49 15.11 -32.78
N GLY A 168 -12.85 16.25 -32.51
CA GLY A 168 -13.47 17.30 -31.71
C GLY A 168 -12.90 18.65 -32.05
N ASP A 169 -13.74 19.67 -31.88
CA ASP A 169 -13.37 21.05 -32.20
C ASP A 169 -13.61 21.97 -31.02
N LEU A 170 -13.24 21.53 -29.81
CA LEU A 170 -13.49 22.31 -28.60
C LEU A 170 -12.20 22.83 -27.99
N LEU A 171 -11.23 21.96 -27.70
CA LEU A 171 -10.05 22.39 -26.96
C LEU A 171 -9.14 23.23 -27.86
N ASP A 172 -8.69 22.66 -28.97
CA ASP A 172 -7.76 23.34 -29.86
C ASP A 172 -7.79 22.64 -31.21
N LYS A 173 -6.91 23.07 -32.11
CA LYS A 173 -6.77 22.47 -33.43
C LYS A 173 -5.34 22.13 -33.81
N ASP A 174 -4.35 22.62 -33.08
CA ASP A 174 -2.95 22.30 -33.39
C ASP A 174 -2.69 20.84 -33.07
N PRO A 175 -2.25 20.03 -34.05
CA PRO A 175 -1.97 18.62 -33.75
C PRO A 175 -0.84 18.42 -32.76
N TYR A 176 0.06 19.39 -32.62
CA TYR A 176 1.13 19.30 -31.64
C TYR A 176 0.65 19.74 -30.27
N SER A 177 -0.35 19.05 -29.72
CA SER A 177 -0.90 19.40 -28.42
C SER A 177 -1.53 18.17 -27.80
N PHE A 178 -1.78 18.24 -26.48
CA PHE A 178 -2.35 17.11 -25.77
C PHE A 178 -3.86 17.24 -25.61
N GLY A 179 -4.39 18.46 -25.65
CA GLY A 179 -5.83 18.64 -25.59
C GLY A 179 -6.53 18.00 -26.77
N ARG A 180 -5.85 17.94 -27.91
CA ARG A 180 -6.43 17.31 -29.09
C ARG A 180 -6.72 15.83 -28.84
N THR A 181 -5.95 15.18 -27.97
CA THR A 181 -6.15 13.77 -27.70
C THR A 181 -6.91 13.50 -26.40
N THR A 182 -6.90 14.42 -25.45
CA THR A 182 -7.64 14.20 -24.22
C THR A 182 -9.14 14.33 -24.46
N ILE A 183 -9.91 14.13 -23.39
CA ILE A 183 -11.37 14.24 -23.47
C ILE A 183 -11.82 15.68 -23.71
N ALA A 184 -10.99 16.66 -23.34
CA ALA A 184 -11.38 18.05 -23.44
C ALA A 184 -11.73 18.43 -24.88
N ASN A 185 -11.22 17.69 -25.86
CA ASN A 185 -11.57 17.90 -27.25
C ASN A 185 -12.89 17.23 -27.63
N LEU A 186 -13.96 17.51 -26.88
CA LEU A 186 -15.27 16.91 -27.14
C LEU A 186 -16.34 17.90 -26.70
N GLN A 187 -17.34 18.09 -27.56
CA GLN A 187 -18.41 19.04 -27.26
C GLN A 187 -19.19 18.60 -26.03
N THR A 188 -19.65 19.57 -25.24
CA THR A 188 -20.49 19.28 -24.10
C THR A 188 -21.84 18.74 -24.57
N ASP A 189 -22.16 18.96 -25.84
CA ASP A 189 -23.40 18.46 -26.42
C ASP A 189 -23.15 17.29 -27.38
N ASN A 190 -21.94 16.76 -27.43
CA ASN A 190 -21.64 15.63 -28.28
C ASN A 190 -22.23 14.35 -27.71
N ASP A 191 -22.31 13.33 -28.56
CA ASP A 191 -22.85 12.03 -28.16
C ASP A 191 -21.78 10.97 -27.93
N LEU A 192 -20.52 11.36 -27.82
CA LEU A 192 -19.45 10.39 -27.64
C LEU A 192 -19.03 10.23 -26.19
N LEU A 193 -19.46 11.12 -25.31
CA LEU A 193 -19.24 10.90 -23.88
C LEU A 193 -19.95 9.64 -23.39
N TRP A 194 -21.08 9.29 -24.00
CA TRP A 194 -21.71 8.01 -23.68
C TRP A 194 -20.81 6.84 -24.06
N LEU A 195 -20.11 6.96 -25.20
CA LEU A 195 -19.11 5.96 -25.55
C LEU A 195 -17.99 5.91 -24.52
N HIS A 196 -17.57 7.07 -24.03
CA HIS A 196 -16.58 7.12 -22.95
C HIS A 196 -17.04 6.31 -21.74
N THR A 197 -18.29 6.53 -21.32
CA THR A 197 -18.79 5.83 -20.14
C THR A 197 -18.96 4.34 -20.40
N ILE A 198 -19.41 3.98 -21.61
CA ILE A 198 -19.54 2.57 -21.96
C ILE A 198 -18.19 1.89 -21.90
N PHE A 199 -17.14 2.55 -22.41
CA PHE A 199 -15.82 1.97 -22.32
C PHE A 199 -15.31 1.92 -20.89
N ALA A 200 -15.75 2.85 -20.04
CA ALA A 200 -15.38 2.77 -18.62
C ALA A 200 -15.97 1.51 -17.98
N VAL A 201 -17.25 1.24 -18.23
CA VAL A 201 -17.87 0.05 -17.63
C VAL A 201 -17.28 -1.22 -18.26
N ILE A 202 -16.93 -1.16 -19.55
CA ILE A 202 -16.28 -2.29 -20.19
C ILE A 202 -14.94 -2.59 -19.55
N TYR A 203 -14.14 -1.56 -19.26
CA TYR A 203 -12.89 -1.75 -18.56
C TYR A 203 -13.09 -2.30 -17.15
N LEU A 204 -14.17 -1.87 -16.48
CA LEU A 204 -14.47 -2.41 -15.16
C LEU A 204 -14.72 -3.91 -15.24
N PHE A 205 -15.57 -4.35 -16.18
CA PHE A 205 -15.82 -5.77 -16.33
C PHE A 205 -14.57 -6.52 -16.74
N LEU A 206 -13.74 -5.91 -17.59
CA LEU A 206 -12.50 -6.53 -18.02
C LEU A 206 -11.57 -6.77 -16.84
N THR A 207 -11.40 -5.77 -15.98
CA THR A 207 -10.56 -5.92 -14.81
C THR A 207 -11.13 -6.96 -13.85
N VAL A 208 -12.45 -6.97 -13.69
CA VAL A 208 -13.08 -7.96 -12.82
C VAL A 208 -12.77 -9.36 -13.31
N GLY A 209 -12.91 -9.59 -14.63
CA GLY A 209 -12.61 -10.91 -15.17
C GLY A 209 -11.15 -11.29 -15.04
N PHE A 210 -10.24 -10.34 -15.36
CA PHE A 210 -8.82 -10.64 -15.29
C PHE A 210 -8.37 -10.93 -13.87
N MET A 211 -8.90 -10.21 -12.88
CA MET A 211 -8.57 -10.49 -11.49
C MET A 211 -9.24 -11.77 -10.99
N ARG A 212 -10.42 -12.11 -11.51
CA ARG A 212 -11.03 -13.38 -11.18
C ARG A 212 -10.17 -14.54 -11.66
N HIS A 213 -9.56 -14.37 -12.83
CA HIS A 213 -8.64 -15.41 -13.32
C HIS A 213 -7.44 -15.58 -12.39
N HIS A 214 -6.88 -14.48 -11.91
CA HIS A 214 -5.75 -14.56 -10.98
C HIS A 214 -6.18 -15.20 -9.65
N THR A 215 -7.38 -14.86 -9.18
CA THR A 215 -7.89 -15.47 -7.95
C THR A 215 -8.10 -16.97 -8.14
N GLN A 216 -8.59 -17.39 -9.31
CA GLN A 216 -8.68 -18.82 -9.61
C GLN A 216 -7.31 -19.46 -9.59
N SER A 217 -6.31 -18.78 -10.15
CA SER A 217 -4.96 -19.34 -10.18
C SER A 217 -4.40 -19.50 -8.77
N ILE A 218 -4.66 -18.53 -7.90
CA ILE A 218 -4.11 -18.56 -6.55
C ILE A 218 -4.94 -19.52 -5.69
N LYS A 219 -4.35 -20.67 -5.36
CA LYS A 219 -4.99 -21.66 -4.50
C LYS A 219 -4.59 -21.47 -3.04
N TYR A 220 -4.86 -22.49 -2.22
CA TYR A 220 -4.41 -22.56 -0.84
C TYR A 220 -5.01 -21.43 0.01
N LYS A 221 -6.33 -21.45 0.21
CA LYS A 221 -7.00 -20.59 1.18
C LYS A 221 -7.58 -21.47 2.29
N GLU A 222 -6.74 -21.80 3.26
CA GLU A 222 -7.13 -22.61 4.42
C GLU A 222 -6.36 -22.16 5.65
N GLU A 223 -6.32 -23.02 6.66
CA GLU A 223 -5.59 -22.75 7.91
C GLU A 223 -6.19 -21.56 8.65
N ASN A 224 -7.45 -21.25 8.34
CA ASN A 224 -8.25 -20.38 9.20
C ASN A 224 -8.68 -21.09 10.48
N LEU A 225 -8.43 -22.39 10.57
CA LEU A 225 -8.71 -23.18 11.76
C LEU A 225 -8.05 -22.58 13.00
N VAL A 226 -8.87 -22.28 14.01
CA VAL A 226 -8.40 -21.77 15.29
C VAL A 226 -9.30 -22.31 16.39
N ARG A 227 -8.70 -22.99 17.37
CA ARG A 227 -9.43 -23.48 18.54
C ARG A 227 -9.20 -22.60 19.76
N ARG A 228 -8.04 -21.96 19.86
CA ARG A 228 -7.73 -21.12 21.01
C ARG A 228 -8.68 -19.94 21.05
N THR A 229 -8.54 -19.00 20.12
CA THR A 229 -9.47 -17.90 19.94
C THR A 229 -9.86 -17.21 21.25
N LEU A 230 -11.07 -16.66 21.30
CA LEU A 230 -11.65 -16.05 22.49
C LEU A 230 -10.74 -14.97 23.05
N PHE A 231 -10.56 -13.92 22.26
CA PHE A 231 -9.81 -12.74 22.69
C PHE A 231 -10.77 -11.70 23.28
N ILE A 232 -11.30 -12.03 24.46
CA ILE A 232 -12.30 -11.18 25.10
C ILE A 232 -11.64 -9.89 25.56
N THR A 233 -12.31 -8.77 25.30
CA THR A 233 -11.84 -7.45 25.70
C THR A 233 -12.90 -6.76 26.55
N GLY A 234 -12.54 -5.62 27.11
CA GLY A 234 -13.47 -4.83 27.90
C GLY A 234 -13.81 -5.42 29.24
N LEU A 235 -13.13 -6.50 29.63
CA LEU A 235 -13.38 -7.11 30.92
C LEU A 235 -12.98 -6.15 32.04
N PRO A 236 -13.83 -6.00 33.05
CA PRO A 236 -13.45 -5.17 34.20
C PRO A 236 -12.23 -5.72 34.92
N ARG A 237 -11.46 -4.80 35.50
CA ARG A 237 -10.13 -5.13 36.01
C ARG A 237 -10.13 -6.08 37.20
N ASP A 238 -11.28 -6.32 37.82
CA ASP A 238 -11.33 -7.18 39.00
C ASP A 238 -11.44 -8.66 38.66
N ALA A 239 -10.98 -9.07 37.47
CA ALA A 239 -11.04 -10.47 37.10
C ALA A 239 -10.02 -11.29 37.87
N ARG A 240 -10.50 -12.24 38.66
CA ARG A 240 -9.68 -13.10 39.49
C ARG A 240 -9.44 -14.47 38.86
N LYS A 241 -9.91 -14.66 37.62
CA LYS A 241 -9.82 -15.88 36.83
C LYS A 241 -10.77 -16.95 37.36
N GLU A 242 -11.12 -16.85 38.64
CA GLU A 242 -12.04 -17.83 39.21
C GLU A 242 -13.47 -17.46 38.87
N THR A 243 -13.78 -16.17 38.92
CA THR A 243 -15.10 -15.70 38.53
C THR A 243 -15.38 -16.01 37.06
N VAL A 244 -14.39 -15.74 36.19
CA VAL A 244 -14.62 -15.96 34.76
C VAL A 244 -14.72 -17.45 34.46
N GLU A 245 -13.90 -18.28 35.10
CA GLU A 245 -14.00 -19.71 34.83
C GLU A 245 -15.33 -20.27 35.34
N SER A 246 -15.75 -19.89 36.55
CA SER A 246 -16.99 -20.40 37.09
C SER A 246 -18.20 -19.85 36.35
N HIS A 247 -18.05 -18.72 35.65
CA HIS A 247 -19.16 -18.23 34.85
C HIS A 247 -19.21 -18.88 33.48
N PHE A 248 -18.04 -19.16 32.87
CA PHE A 248 -18.00 -19.87 31.61
C PHE A 248 -18.31 -21.34 31.81
N ARG A 249 -18.35 -21.78 33.06
CA ARG A 249 -18.87 -23.11 33.37
C ARG A 249 -20.33 -23.28 32.99
N ASP A 250 -21.16 -22.25 33.19
CA ASP A 250 -22.57 -22.31 32.79
C ASP A 250 -22.78 -21.67 31.43
N ALA A 251 -22.48 -20.37 31.30
CA ALA A 251 -22.56 -19.71 29.97
C ALA A 251 -21.32 -20.09 29.16
N TYR A 252 -21.50 -20.58 27.93
CA TYR A 252 -20.39 -21.20 27.14
C TYR A 252 -19.98 -22.52 27.80
N PRO A 253 -20.80 -23.59 27.81
CA PRO A 253 -20.42 -24.83 28.47
C PRO A 253 -19.01 -25.29 28.09
N THR A 254 -18.43 -26.18 28.93
CA THR A 254 -17.10 -26.74 28.80
C THR A 254 -16.06 -25.77 29.36
N CYS A 255 -15.14 -25.30 28.52
CA CYS A 255 -14.12 -24.33 28.94
C CYS A 255 -13.25 -24.87 30.07
N GLU A 256 -12.41 -25.86 29.75
CA GLU A 256 -11.45 -26.36 30.76
C GLU A 256 -10.06 -25.81 30.39
N VAL A 257 -9.89 -24.48 30.48
CA VAL A 257 -8.60 -23.83 30.09
C VAL A 257 -7.92 -23.26 31.35
N VAL A 258 -8.72 -22.80 32.32
CA VAL A 258 -8.19 -22.26 33.62
C VAL A 258 -6.97 -21.33 33.37
N ASP A 259 -7.02 -20.51 32.32
CA ASP A 259 -5.94 -19.53 32.05
C ASP A 259 -6.53 -18.45 31.14
N VAL A 260 -6.44 -17.16 31.52
CA VAL A 260 -7.13 -16.14 30.69
C VAL A 260 -6.73 -14.69 31.01
N GLN A 261 -6.39 -14.37 32.26
CA GLN A 261 -6.17 -12.96 32.56
C GLN A 261 -4.71 -12.55 32.54
N LEU A 262 -3.80 -13.48 32.82
CA LEU A 262 -2.38 -13.15 32.89
C LEU A 262 -1.83 -12.63 31.57
N CYS A 263 -2.66 -12.52 30.54
CA CYS A 263 -2.29 -11.84 29.30
C CYS A 263 -2.76 -10.39 29.34
N TYR A 264 -2.26 -9.63 30.32
CA TYR A 264 -2.61 -8.18 30.39
C TYR A 264 -1.64 -7.40 29.52
N ASN A 265 -1.38 -6.15 29.90
CA ASN A 265 -0.44 -5.30 29.16
C ASN A 265 0.99 -5.64 29.57
N VAL A 266 1.59 -6.54 28.81
CA VAL A 266 3.01 -6.83 28.98
C VAL A 266 3.78 -5.90 28.06
N ALA A 267 4.00 -4.66 28.51
CA ALA A 267 4.70 -3.68 27.69
C ALA A 267 6.13 -3.46 28.18
N LYS A 268 6.26 -3.03 29.44
CA LYS A 268 7.58 -2.78 30.00
C LYS A 268 8.37 -4.07 30.15
N LEU A 269 7.68 -5.16 30.50
CA LEU A 269 8.36 -6.44 30.63
C LEU A 269 8.94 -6.91 29.30
N ILE A 270 8.29 -6.56 28.19
CA ILE A 270 8.85 -6.83 26.87
C ILE A 270 9.76 -5.66 26.51
N TYR A 271 11.02 -5.75 26.92
CA TYR A 271 11.96 -4.66 26.68
C TYR A 271 12.65 -4.83 25.33
N LEU A 272 13.32 -5.97 25.12
CA LEU A 272 14.23 -6.20 24.01
C LEU A 272 15.42 -5.24 24.12
N CYS A 273 15.45 -4.44 25.18
CA CYS A 273 16.60 -3.59 25.46
C CYS A 273 17.74 -4.37 26.12
N LYS A 274 17.52 -5.64 26.44
CA LYS A 274 18.58 -6.51 26.95
C LYS A 274 19.59 -6.88 25.87
N GLU A 275 19.46 -6.25 24.70
CA GLU A 275 20.49 -6.34 23.68
C GLU A 275 21.82 -5.75 24.14
N LYS A 276 21.79 -4.96 25.21
CA LYS A 276 23.02 -4.45 25.80
C LYS A 276 23.89 -5.59 26.31
N LYS A 277 23.26 -6.74 26.59
CA LYS A 277 24.03 -7.94 26.88
C LYS A 277 24.88 -8.34 25.69
N LYS A 278 24.35 -8.20 24.47
CA LYS A 278 25.15 -8.42 23.28
C LYS A 278 26.27 -7.40 23.18
N THR A 279 25.98 -6.13 23.47
CA THR A 279 27.03 -5.12 23.55
C THR A 279 27.98 -5.35 24.71
N GLU A 280 27.54 -6.06 25.75
CA GLU A 280 28.44 -6.42 26.83
C GLU A 280 29.49 -7.44 26.41
N LYS A 281 29.13 -8.36 25.51
CA LYS A 281 30.13 -9.22 24.89
C LYS A 281 31.08 -8.39 24.03
N SER A 282 30.56 -7.39 23.33
CA SER A 282 31.41 -6.50 22.55
C SER A 282 32.37 -5.72 23.44
N LEU A 283 31.97 -5.48 24.68
CA LEU A 283 32.78 -4.73 25.65
C LEU A 283 33.15 -3.36 25.07
N THR A 284 32.14 -2.53 24.82
CA THR A 284 32.33 -1.19 24.25
C THR A 284 33.04 -1.26 22.90
N ASP A 319 39.63 5.58 27.38
CA ASP A 319 38.28 5.67 26.76
C ASP A 319 37.28 4.86 27.59
N ALA A 320 36.14 4.48 27.00
CA ALA A 320 35.15 3.64 27.71
C ALA A 320 35.77 2.28 28.00
N ILE A 321 36.54 1.73 27.05
CA ILE A 321 37.23 0.42 27.24
C ILE A 321 36.18 -0.69 27.43
N SER A 322 35.53 -0.74 28.59
CA SER A 322 34.48 -1.74 28.85
C SER A 322 33.17 -1.03 29.23
N TYR A 323 33.22 -0.16 30.24
CA TYR A 323 32.04 0.59 30.65
C TYR A 323 30.84 -0.32 30.87
N TYR A 324 29.65 0.26 30.80
CA TYR A 324 28.38 -0.47 30.84
C TYR A 324 28.22 -1.26 32.11
N THR A 325 27.50 -2.39 31.99
CA THR A 325 27.16 -3.32 33.06
C THR A 325 26.24 -2.67 34.10
N ARG A 326 26.15 -1.34 34.09
CA ARG A 326 25.21 -0.67 34.98
C ARG A 326 23.85 -0.57 34.34
N MET A 327 23.81 -0.33 33.02
CA MET A 327 22.57 -0.48 32.28
C MET A 327 22.09 -1.92 32.35
N LYS A 328 23.03 -2.88 32.33
CA LYS A 328 22.65 -4.28 32.44
C LYS A 328 22.04 -4.58 33.81
N ASP A 329 22.68 -4.10 34.88
CA ASP A 329 22.14 -4.31 36.21
C ASP A 329 20.78 -3.65 36.39
N ARG A 330 20.63 -2.42 35.89
CA ARG A 330 19.36 -1.71 36.03
C ARG A 330 18.26 -2.38 35.20
N LEU A 331 18.57 -2.81 33.98
CA LEU A 331 17.58 -3.49 33.17
C LEU A 331 17.29 -4.89 33.68
N LEU A 332 18.18 -5.48 34.47
CA LEU A 332 17.93 -6.73 35.15
C LEU A 332 17.04 -6.55 36.37
N GLU A 333 17.19 -5.46 37.11
CA GLU A 333 16.29 -5.12 38.21
C GLU A 333 14.91 -4.75 37.70
N ARG A 334 14.84 -4.06 36.56
CA ARG A 334 13.55 -3.63 36.03
C ARG A 334 12.77 -4.77 35.39
N ILE A 335 13.43 -5.77 34.81
CA ILE A 335 12.69 -6.88 34.21
C ILE A 335 12.13 -7.76 35.31
N THR A 336 12.58 -7.53 36.55
CA THR A 336 11.97 -8.16 37.72
C THR A 336 10.91 -7.28 38.38
N GLU A 337 11.10 -5.97 38.45
CA GLU A 337 10.05 -5.09 38.93
C GLU A 337 8.80 -5.19 38.06
N GLU A 338 8.98 -5.18 36.74
CA GLU A 338 7.84 -5.36 35.85
C GLU A 338 7.26 -6.77 35.93
N GLU A 339 8.10 -7.79 36.11
CA GLU A 339 7.59 -9.15 36.22
C GLU A 339 6.82 -9.35 37.51
N ARG A 340 7.07 -8.53 38.53
CA ARG A 340 6.25 -8.58 39.73
C ARG A 340 5.10 -7.57 39.67
N HIS A 341 5.14 -6.67 38.69
CA HIS A 341 4.07 -5.70 38.50
C HIS A 341 3.08 -6.10 37.40
N VAL A 342 3.29 -7.24 36.73
CA VAL A 342 2.38 -7.64 35.65
C VAL A 342 1.00 -7.99 36.21
N GLN A 343 0.96 -8.71 37.34
CA GLN A 343 -0.32 -9.19 37.85
C GLN A 343 -1.23 -8.03 38.27
N ASP A 344 -0.65 -6.99 38.85
CA ASP A 344 -1.43 -5.82 39.19
C ASP A 344 -1.42 -4.79 38.07
N GLN A 345 -1.80 -5.23 36.87
CA GLN A 345 -2.00 -4.34 35.72
C GLN A 345 -3.15 -4.87 34.87
N PRO A 346 -4.35 -5.00 35.44
CA PRO A 346 -5.45 -5.62 34.69
C PRO A 346 -6.11 -4.67 33.71
N LEU A 347 -5.88 -4.87 32.41
CA LEU A 347 -6.58 -4.10 31.38
C LEU A 347 -7.76 -4.85 30.76
N GLY A 348 -8.10 -6.02 31.29
CA GLY A 348 -9.23 -6.76 30.78
C GLY A 348 -9.02 -7.36 29.41
N MET A 349 -7.98 -8.19 29.29
CA MET A 349 -7.75 -8.94 28.05
C MET A 349 -7.74 -10.43 28.37
N ALA A 350 -8.45 -11.22 27.58
CA ALA A 350 -8.72 -12.61 27.91
C ALA A 350 -8.36 -13.51 26.74
N PHE A 351 -7.71 -14.63 27.06
CA PHE A 351 -7.39 -15.66 26.09
C PHE A 351 -7.79 -17.02 26.63
N VAL A 352 -8.57 -17.78 25.85
CA VAL A 352 -9.13 -19.05 26.29
C VAL A 352 -8.74 -20.11 25.27
N THR A 353 -7.59 -20.74 25.48
CA THR A 353 -7.06 -21.74 24.55
C THR A 353 -7.81 -23.07 24.73
N PHE A 354 -8.78 -23.33 23.86
CA PHE A 354 -9.67 -24.47 24.00
C PHE A 354 -8.99 -25.77 23.62
N GLN A 355 -9.68 -26.87 23.94
CA GLN A 355 -9.16 -28.20 23.62
C GLN A 355 -9.60 -28.65 22.23
N GLU A 356 -10.87 -28.41 21.88
CA GLU A 356 -11.43 -28.85 20.61
C GLU A 356 -12.07 -27.67 19.89
N LYS A 357 -12.25 -27.83 18.58
CA LYS A 357 -12.68 -26.72 17.73
C LYS A 357 -14.19 -26.57 17.70
N SER A 358 -14.91 -27.70 17.71
CA SER A 358 -16.37 -27.64 17.70
C SER A 358 -16.90 -26.93 18.92
N MET A 359 -16.22 -27.11 20.07
CA MET A 359 -16.57 -26.33 21.25
C MET A 359 -16.61 -24.86 20.92
N ALA A 360 -15.47 -24.29 20.50
CA ALA A 360 -15.40 -22.86 20.26
C ALA A 360 -16.37 -22.41 19.18
N THR A 361 -16.63 -23.28 18.19
CA THR A 361 -17.61 -22.95 17.16
C THR A 361 -19.00 -22.74 17.76
N TYR A 362 -19.55 -23.77 18.39
CA TYR A 362 -20.85 -23.64 19.06
C TYR A 362 -20.81 -22.55 20.11
N ILE A 363 -19.63 -22.27 20.66
CA ILE A 363 -19.49 -21.34 21.76
C ILE A 363 -19.67 -19.91 21.28
N LEU A 364 -18.98 -19.54 20.20
CA LEU A 364 -19.17 -18.21 19.64
C LEU A 364 -20.55 -18.09 19.02
N LYS A 365 -21.12 -19.22 18.56
CA LYS A 365 -22.51 -19.19 18.12
C LYS A 365 -23.44 -18.82 19.26
N ASP A 366 -23.21 -19.40 20.45
CA ASP A 366 -24.07 -19.14 21.59
C ASP A 366 -23.88 -17.71 22.12
N PHE A 367 -22.63 -17.24 22.15
CA PHE A 367 -22.38 -15.87 22.57
C PHE A 367 -22.97 -14.86 21.58
N ASN A 368 -22.96 -15.19 20.29
CA ASN A 368 -23.52 -14.30 19.28
C ASN A 368 -24.97 -14.61 18.95
N ALA A 369 -25.58 -15.57 19.64
CA ALA A 369 -26.99 -15.88 19.43
C ALA A 369 -27.85 -14.75 19.98
N GLY A 379 -28.81 -10.31 23.70
CA GLY A 379 -28.23 -11.64 23.76
C GLY A 379 -27.74 -12.01 25.14
N GLU A 380 -28.55 -12.78 25.88
CA GLU A 380 -28.18 -13.22 27.21
C GLU A 380 -27.89 -14.71 27.19
N PRO A 381 -26.65 -15.15 27.40
CA PRO A 381 -26.37 -16.59 27.42
C PRO A 381 -26.94 -17.23 28.68
N GLN A 382 -26.69 -18.54 28.79
CA GLN A 382 -27.20 -19.32 29.89
C GLN A 382 -26.69 -18.77 31.22
N PRO A 383 -27.56 -18.50 32.19
CA PRO A 383 -27.13 -17.80 33.40
C PRO A 383 -26.16 -18.61 34.25
N SER A 384 -25.29 -17.89 34.95
CA SER A 384 -24.34 -18.49 35.87
C SER A 384 -24.39 -17.75 37.19
N SER A 385 -23.76 -18.34 38.21
CA SER A 385 -23.72 -17.70 39.52
C SER A 385 -22.94 -16.40 39.49
N HIS A 386 -21.86 -16.34 38.70
CA HIS A 386 -20.97 -15.20 38.67
C HIS A 386 -21.21 -14.25 37.51
N SER A 387 -22.28 -14.47 36.73
CA SER A 387 -22.57 -13.57 35.60
C SER A 387 -22.85 -12.16 36.10
N ARG A 388 -23.64 -12.03 37.17
CA ARG A 388 -23.91 -10.72 37.74
C ARG A 388 -22.63 -10.08 38.26
N GLU A 389 -21.74 -10.88 38.85
CA GLU A 389 -20.48 -10.35 39.36
C GLU A 389 -19.59 -9.84 38.24
N LEU A 390 -19.61 -10.49 37.08
CA LEU A 390 -18.73 -10.12 35.98
C LEU A 390 -19.31 -9.10 35.02
N TYR A 391 -20.62 -8.86 35.04
CA TYR A 391 -21.26 -7.97 34.06
C TYR A 391 -21.01 -8.51 32.64
N THR A 392 -21.44 -9.75 32.41
CA THR A 392 -21.03 -10.46 31.22
C THR A 392 -21.73 -9.95 29.97
N SER A 393 -22.72 -9.07 30.12
CA SER A 393 -23.45 -8.56 28.96
C SER A 393 -22.69 -7.46 28.24
N LYS A 394 -21.61 -6.94 28.81
CA LYS A 394 -20.87 -5.83 28.24
C LYS A 394 -19.58 -6.25 27.55
N TRP A 395 -19.32 -7.54 27.42
CA TRP A 395 -18.03 -8.01 26.92
C TRP A 395 -17.99 -7.97 25.39
N THR A 396 -16.78 -8.01 24.85
CA THR A 396 -16.55 -8.12 23.41
C THR A 396 -15.76 -9.39 23.15
N VAL A 397 -16.37 -10.34 22.43
CA VAL A 397 -15.78 -11.66 22.20
C VAL A 397 -15.49 -11.81 20.71
N THR A 398 -14.24 -12.09 20.39
CA THR A 398 -13.81 -12.31 19.00
C THR A 398 -12.77 -13.41 18.97
N PHE A 399 -12.61 -14.01 17.79
CA PHE A 399 -11.54 -14.98 17.60
C PHE A 399 -10.19 -14.33 17.79
N ALA A 400 -9.27 -15.06 18.43
CA ALA A 400 -7.92 -14.55 18.66
C ALA A 400 -6.97 -15.02 17.58
N ALA A 401 -5.70 -14.62 17.68
CA ALA A 401 -4.68 -14.99 16.71
C ALA A 401 -3.65 -15.89 17.40
N ASP A 402 -2.68 -16.34 16.60
CA ASP A 402 -1.62 -17.19 17.11
C ASP A 402 -0.83 -16.45 18.18
N PRO A 403 -0.49 -17.11 19.29
CA PRO A 403 0.22 -16.41 20.37
C PRO A 403 1.55 -15.80 19.95
N GLU A 404 2.16 -16.32 18.89
CA GLU A 404 3.44 -15.77 18.44
C GLU A 404 3.29 -14.34 17.93
N ASP A 405 2.20 -14.05 17.21
CA ASP A 405 2.05 -12.75 16.57
C ASP A 405 1.31 -11.72 17.41
N ILE A 406 0.86 -12.07 18.61
CA ILE A 406 0.16 -11.12 19.46
C ILE A 406 1.17 -10.11 20.01
N CYS A 407 0.89 -8.82 19.84
CA CYS A 407 1.78 -7.76 20.29
C CYS A 407 1.38 -7.30 21.69
N TRP A 408 1.94 -7.98 22.69
CA TRP A 408 1.68 -7.62 24.08
C TRP A 408 2.22 -6.23 24.40
N LYS A 409 3.24 -5.78 23.68
CA LYS A 409 3.75 -4.43 23.90
C LYS A 409 2.70 -3.39 23.54
N ASN A 410 1.97 -3.59 22.45
CA ASN A 410 0.93 -2.67 22.02
C ASN A 410 -0.43 -3.00 22.62
N LEU A 411 -0.55 -4.11 23.35
CA LEU A 411 -1.82 -4.44 23.99
C LEU A 411 -2.17 -3.46 25.10
N SER A 412 -1.20 -2.67 25.58
CA SER A 412 -1.49 -1.67 26.61
C SER A 412 -2.43 -0.60 26.09
N ILE A 413 -2.21 -0.14 24.87
CA ILE A 413 -3.04 0.90 24.27
C ILE A 413 -4.37 0.30 23.85
N GLN A 414 -5.43 0.63 24.59
CA GLN A 414 -6.74 0.02 24.37
C GLN A 414 -7.81 1.07 24.55
N GLY A 415 -8.99 0.78 24.01
CA GLY A 415 -10.13 1.66 24.22
C GLY A 415 -10.00 2.95 23.44
N LEU A 416 -10.43 4.05 24.08
CA LEU A 416 -10.48 5.34 23.38
C LEU A 416 -9.09 5.88 23.09
N ARG A 417 -8.10 5.47 23.88
CA ARG A 417 -6.74 5.96 23.66
C ARG A 417 -6.20 5.45 22.33
N TRP A 418 -6.54 4.21 21.97
CA TRP A 418 -6.14 3.67 20.68
C TRP A 418 -6.71 4.50 19.53
N TRP A 419 -8.00 4.84 19.63
CA TRP A 419 -8.62 5.59 18.54
C TRP A 419 -8.10 7.01 18.48
N LEU A 420 -7.81 7.60 19.64
CA LEU A 420 -7.19 8.93 19.66
C LEU A 420 -5.80 8.88 19.03
N GLN A 421 -5.02 7.83 19.32
CA GLN A 421 -3.73 7.67 18.68
C GLN A 421 -3.87 7.54 17.17
N TRP A 422 -4.84 6.74 16.72
CA TRP A 422 -5.04 6.56 15.28
C TRP A 422 -5.41 7.88 14.63
N LEU A 423 -6.32 8.63 15.26
CA LEU A 423 -6.74 9.91 14.69
C LEU A 423 -5.58 10.89 14.63
N GLY A 424 -4.77 10.95 15.70
CA GLY A 424 -3.63 11.85 15.70
C GLY A 424 -2.63 11.49 14.62
N ILE A 425 -2.31 10.21 14.49
CA ILE A 425 -1.35 9.78 13.48
C ILE A 425 -1.88 10.04 12.07
N ASN A 426 -3.15 9.72 11.84
CA ASN A 426 -3.74 9.95 10.53
C ASN A 426 -3.76 11.44 10.18
N PHE A 427 -4.11 12.29 11.15
CA PHE A 427 -4.15 13.72 10.90
C PHE A 427 -2.74 14.27 10.61
N THR A 428 -1.75 13.84 11.41
CA THR A 428 -0.38 14.27 11.17
C THR A 428 0.14 13.80 9.82
N LEU A 429 -0.18 12.58 9.40
CA LEU A 429 0.25 12.08 8.10
C LEU A 429 -0.50 12.73 6.94
N PHE A 430 -1.77 13.09 7.13
CA PHE A 430 -2.50 13.77 6.08
C PHE A 430 -1.99 15.20 5.90
N LEU A 431 -1.63 15.86 7.01
CA LEU A 431 -0.97 17.15 6.88
C LEU A 431 0.39 17.02 6.21
N GLY A 432 1.09 15.91 6.46
CA GLY A 432 2.31 15.65 5.74
C GLY A 432 2.08 15.51 4.24
N LEU A 433 1.01 14.82 3.86
CA LEU A 433 0.67 14.71 2.44
C LEU A 433 0.33 16.07 1.85
N PHE A 434 -0.42 16.88 2.58
CA PHE A 434 -0.74 18.23 2.11
C PHE A 434 0.48 19.12 2.01
N PHE A 435 1.53 18.87 2.79
CA PHE A 435 2.77 19.62 2.67
C PHE A 435 3.75 19.01 1.67
N LEU A 436 3.55 17.76 1.26
CA LEU A 436 4.42 17.11 0.29
C LEU A 436 3.93 17.24 -1.14
N THR A 437 2.62 17.15 -1.37
CA THR A 437 2.10 17.24 -2.74
C THR A 437 2.15 18.68 -3.25
N THR A 438 1.85 19.64 -2.38
CA THR A 438 1.65 21.04 -2.77
C THR A 438 2.83 21.64 -3.54
N PRO A 439 4.10 21.41 -3.13
CA PRO A 439 5.21 21.96 -3.93
C PRO A 439 5.19 21.51 -5.38
N SER A 440 4.89 20.24 -5.61
CA SER A 440 4.84 19.73 -6.98
C SER A 440 3.72 20.40 -7.77
N ILE A 441 2.56 20.56 -7.15
CA ILE A 441 1.43 21.20 -7.82
C ILE A 441 1.77 22.64 -8.19
N ILE A 442 2.35 23.39 -7.25
CA ILE A 442 2.70 24.78 -7.53
C ILE A 442 3.74 24.85 -8.65
N LEU A 443 4.76 23.98 -8.60
CA LEU A 443 5.79 24.02 -9.63
C LEU A 443 5.21 23.67 -11.00
N SER A 444 4.29 22.70 -11.06
CA SER A 444 3.72 22.32 -12.35
C SER A 444 2.78 23.39 -12.88
N THR A 445 2.08 24.11 -12.00
CA THR A 445 1.11 25.12 -12.39
C THR A 445 1.69 26.54 -12.34
N MET A 446 3.00 26.65 -12.14
CA MET A 446 3.63 27.96 -11.93
C MET A 446 3.49 28.86 -13.16
N ASP A 447 3.66 28.30 -14.35
CA ASP A 447 3.77 29.12 -15.55
C ASP A 447 2.41 29.68 -15.99
N LYS A 448 1.34 28.90 -15.78
CA LYS A 448 0.01 29.33 -16.20
C LYS A 448 -0.54 30.42 -15.29
N PHE A 449 0.17 30.74 -14.20
CA PHE A 449 -0.35 31.67 -13.20
C PHE A 449 -0.56 33.06 -13.79
N ASN A 450 0.25 33.45 -14.76
CA ASN A 450 0.14 34.79 -15.33
C ASN A 450 -1.21 35.00 -16.01
N VAL A 451 -1.65 34.00 -16.79
CA VAL A 451 -2.86 34.02 -17.62
C VAL A 451 -3.25 35.42 -18.11
N ASN A 459 7.25 28.58 -20.18
CA ASN A 459 8.34 28.22 -19.28
C ASN A 459 9.31 27.27 -19.96
N ASN A 460 10.50 27.11 -19.40
CA ASN A 460 11.52 26.24 -19.97
C ASN A 460 11.04 24.80 -19.90
N PRO A 461 10.94 24.10 -21.03
CA PRO A 461 10.36 22.75 -21.02
C PRO A 461 11.11 21.75 -20.17
N ILE A 462 12.43 21.91 -20.02
CA ILE A 462 13.22 20.98 -19.22
C ILE A 462 12.76 21.01 -17.77
N ILE A 463 12.32 22.17 -17.29
CA ILE A 463 11.83 22.32 -15.93
C ILE A 463 10.31 22.53 -15.95
N SER A 464 9.71 22.52 -14.77
CA SER A 464 8.28 22.75 -14.58
C SER A 464 7.43 21.62 -15.17
N GLN A 465 8.08 20.67 -15.85
CA GLN A 465 7.45 19.40 -16.18
C GLN A 465 8.25 18.24 -15.58
N PHE A 466 9.55 18.21 -15.87
CA PHE A 466 10.40 17.16 -15.31
C PHE A 466 10.69 17.39 -13.84
N PHE A 467 10.97 18.64 -13.45
CA PHE A 467 11.30 18.91 -12.05
C PHE A 467 10.15 18.59 -11.10
N PRO A 468 8.91 19.04 -11.34
CA PRO A 468 7.84 18.72 -10.38
C PRO A 468 7.47 17.26 -10.38
N THR A 469 7.45 16.61 -11.54
CA THR A 469 7.16 15.18 -11.59
C THR A 469 8.22 14.39 -10.84
N LEU A 470 9.49 14.74 -11.03
CA LEU A 470 10.57 14.06 -10.32
C LEU A 470 10.47 14.30 -8.82
N LEU A 471 10.14 15.52 -8.41
CA LEU A 471 9.98 15.82 -7.00
C LEU A 471 8.85 15.00 -6.38
N LEU A 472 7.72 14.93 -7.09
CA LEU A 472 6.59 14.14 -6.61
C LEU A 472 6.97 12.66 -6.52
N TRP A 473 7.70 12.16 -7.51
CA TRP A 473 8.11 10.76 -7.45
C TRP A 473 9.07 10.50 -6.29
N SER A 474 9.99 11.43 -6.03
CA SER A 474 10.92 11.25 -4.92
C SER A 474 10.18 11.23 -3.59
N PHE A 475 9.22 12.14 -3.42
CA PHE A 475 8.43 12.15 -2.19
C PHE A 475 7.59 10.88 -2.07
N SER A 476 7.05 10.40 -3.19
CA SER A 476 6.28 9.16 -3.17
C SER A 476 7.15 7.97 -2.79
N ALA A 477 8.39 7.95 -3.28
CA ALA A 477 9.32 6.88 -2.90
C ALA A 477 9.70 6.96 -1.44
N LEU A 478 9.80 8.18 -0.91
CA LEU A 478 10.07 8.37 0.52
C LEU A 478 8.88 8.00 1.40
N LEU A 479 7.65 8.03 0.85
CA LEU A 479 6.46 7.79 1.64
C LEU A 479 6.44 6.44 2.38
N PRO A 480 6.75 5.30 1.76
CA PRO A 480 6.56 4.02 2.46
C PRO A 480 7.27 3.89 3.79
N SER A 481 8.48 4.44 3.93
CA SER A 481 9.16 4.42 5.22
C SER A 481 8.37 5.22 6.27
N ILE A 482 7.84 6.37 5.85
CA ILE A 482 7.04 7.19 6.76
C ILE A 482 5.80 6.41 7.20
N VAL A 483 5.15 5.72 6.26
CA VAL A 483 3.96 4.95 6.61
C VAL A 483 4.33 3.81 7.56
N TYR A 484 5.49 3.19 7.34
CA TYR A 484 5.93 2.09 8.21
C TYR A 484 6.13 2.57 9.64
N TYR A 485 6.88 3.66 9.81
CA TYR A 485 7.08 4.19 11.16
C TYR A 485 5.77 4.69 11.76
N SER A 486 4.88 5.22 10.92
CA SER A 486 3.58 5.68 11.41
C SER A 486 2.76 4.53 11.97
N THR A 487 2.75 3.40 11.27
CA THR A 487 2.00 2.24 11.77
C THR A 487 2.66 1.66 13.01
N LEU A 488 3.99 1.66 13.05
CA LEU A 488 4.68 1.20 14.25
C LEU A 488 4.31 2.04 15.46
N LEU A 489 4.23 3.37 15.28
CA LEU A 489 3.76 4.23 16.35
C LEU A 489 2.29 3.96 16.67
N GLU A 490 1.48 3.69 15.64
CA GLU A 490 0.07 3.39 15.81
C GLU A 490 -0.15 2.16 16.68
N SER A 491 0.76 1.19 16.63
CA SER A 491 0.80 0.07 17.56
C SER A 491 -0.49 -0.76 17.49
N HIS A 492 -0.69 -1.39 16.34
CA HIS A 492 -1.76 -2.35 16.19
C HIS A 492 -1.51 -3.57 17.08
N TRP A 493 -2.54 -4.39 17.27
CA TRP A 493 -2.47 -5.49 18.21
C TRP A 493 -1.94 -6.80 17.63
N THR A 494 -2.12 -7.03 16.34
CA THR A 494 -1.73 -8.29 15.71
C THR A 494 -0.64 -8.06 14.67
N LYS A 495 0.41 -8.88 14.73
CA LYS A 495 1.48 -8.77 13.75
C LYS A 495 1.00 -9.10 12.35
N SER A 496 0.02 -10.01 12.22
CA SER A 496 -0.58 -10.26 10.91
C SER A 496 -1.34 -9.04 10.42
N GLY A 497 -1.85 -8.23 11.33
CA GLY A 497 -2.52 -7.00 10.97
C GLY A 497 -1.55 -5.83 10.90
N GLU A 498 -0.26 -6.12 10.91
CA GLU A 498 0.77 -5.10 10.77
C GLU A 498 1.44 -5.13 9.40
N ASN A 499 1.05 -6.05 8.53
CA ASN A 499 1.56 -6.11 7.15
C ASN A 499 0.44 -5.89 6.14
N GLN A 500 -0.71 -6.53 6.32
CA GLN A 500 -1.85 -6.26 5.46
C GLN A 500 -2.32 -4.83 5.62
N ILE A 501 -2.49 -4.37 6.86
CA ILE A 501 -2.85 -2.98 7.12
C ILE A 501 -1.74 -2.06 6.62
N MET A 502 -0.49 -2.52 6.74
CA MET A 502 0.64 -1.74 6.23
C MET A 502 0.49 -1.47 4.74
N MET A 503 0.27 -2.51 3.94
CA MET A 503 0.18 -2.33 2.50
C MET A 503 -1.07 -1.54 2.12
N THR A 504 -2.18 -1.80 2.81
CA THR A 504 -3.41 -1.07 2.52
C THR A 504 -3.22 0.43 2.81
N LYS A 505 -2.57 0.75 3.92
CA LYS A 505 -2.32 2.14 4.27
C LYS A 505 -1.37 2.79 3.26
N VAL A 506 -0.34 2.06 2.83
CA VAL A 506 0.58 2.62 1.84
C VAL A 506 -0.15 2.92 0.54
N TYR A 507 -1.00 2.00 0.09
CA TYR A 507 -1.75 2.24 -1.15
C TYR A 507 -2.71 3.40 -1.00
N ILE A 508 -3.43 3.47 0.13
CA ILE A 508 -4.40 4.54 0.34
C ILE A 508 -3.71 5.89 0.37
N PHE A 509 -2.55 5.97 1.05
CA PHE A 509 -1.84 7.23 1.11
C PHE A 509 -1.17 7.57 -0.21
N LEU A 510 -0.74 6.56 -0.98
CA LEU A 510 -0.23 6.84 -2.31
C LEU A 510 -1.31 7.38 -3.23
N ILE A 511 -2.55 6.90 -3.08
CA ILE A 511 -3.65 7.48 -3.83
C ILE A 511 -3.84 8.95 -3.47
N PHE A 512 -3.86 9.26 -2.17
CA PHE A 512 -4.02 10.62 -1.69
C PHE A 512 -2.77 11.45 -1.98
N MET A 513 -1.72 10.78 -2.43
CA MET A 513 -0.44 11.43 -2.67
C MET A 513 -0.17 11.76 -4.13
N VAL A 514 -0.60 10.93 -5.09
CA VAL A 514 -0.20 11.13 -6.48
C VAL A 514 -1.42 11.20 -7.40
N LEU A 515 -2.58 10.76 -6.92
CA LEU A 515 -3.70 10.57 -7.83
C LEU A 515 -4.86 11.53 -7.60
N ILE A 516 -5.42 11.54 -6.39
CA ILE A 516 -6.60 12.36 -6.14
C ILE A 516 -6.20 13.78 -5.75
N LEU A 517 -5.28 13.91 -4.78
CA LEU A 517 -4.88 15.22 -4.29
C LEU A 517 -4.23 16.06 -5.39
N PRO A 518 -3.23 15.56 -6.13
CA PRO A 518 -2.69 16.37 -7.22
C PRO A 518 -3.73 16.71 -8.28
N SER A 519 -4.67 15.79 -8.55
CA SER A 519 -5.71 16.06 -9.52
C SER A 519 -6.72 17.08 -8.98
N LEU A 520 -7.14 16.91 -7.73
CA LEU A 520 -8.02 17.89 -7.11
C LEU A 520 -7.34 19.24 -7.00
N GLY A 521 -6.07 19.24 -6.62
CA GLY A 521 -5.32 20.48 -6.51
C GLY A 521 -5.12 21.17 -7.85
N LEU A 522 -4.72 20.42 -8.87
CA LEU A 522 -4.48 21.00 -10.19
C LEU A 522 -5.78 21.57 -10.77
N THR A 523 -6.86 20.81 -10.70
CA THR A 523 -8.12 21.25 -11.27
C THR A 523 -8.64 22.50 -10.57
N SER A 524 -8.49 22.55 -9.24
CA SER A 524 -8.91 23.74 -8.49
C SER A 524 -8.12 24.97 -8.94
N LEU A 525 -6.81 24.80 -9.16
CA LEU A 525 -6.02 25.91 -9.69
C LEU A 525 -6.48 26.29 -11.10
N ASP A 526 -6.77 25.30 -11.94
CA ASP A 526 -7.23 25.59 -13.30
C ASP A 526 -8.58 26.29 -13.28
N PHE A 527 -9.50 25.81 -12.45
CA PHE A 527 -10.78 26.51 -12.31
C PHE A 527 -10.60 27.91 -11.76
N PHE A 528 -9.63 28.08 -10.85
CA PHE A 528 -9.26 29.42 -10.40
C PHE A 528 -8.65 30.23 -11.54
N PHE A 529 -7.84 29.59 -12.38
CA PHE A 529 -7.24 30.28 -13.53
C PHE A 529 -8.32 30.76 -14.51
N ARG A 530 -9.34 29.93 -14.72
CA ARG A 530 -10.45 30.34 -15.59
C ARG A 530 -11.15 31.56 -15.02
N TRP A 531 -11.33 31.59 -13.70
CA TRP A 531 -11.96 32.75 -13.05
C TRP A 531 -11.08 33.99 -13.17
N LEU A 532 -9.76 33.82 -13.29
CA LEU A 532 -8.86 34.94 -13.42
C LEU A 532 -9.05 35.66 -14.75
N ILE A 542 -17.55 32.26 -16.00
CA ILE A 542 -16.70 31.10 -16.20
C ILE A 542 -17.34 30.13 -17.17
N ARG A 543 -16.61 29.78 -18.23
CA ARG A 543 -17.08 28.79 -19.21
C ARG A 543 -16.67 27.42 -18.72
N LEU A 544 -17.60 26.75 -18.04
CA LEU A 544 -17.32 25.41 -17.51
C LEU A 544 -17.11 24.40 -18.63
N GLU A 545 -17.53 24.74 -19.85
CA GLU A 545 -17.47 23.81 -20.99
C GLU A 545 -16.05 23.30 -21.21
N CYS A 546 -15.04 24.12 -20.92
CA CYS A 546 -13.64 23.71 -20.98
C CYS A 546 -12.99 23.99 -19.64
N VAL A 547 -13.12 23.04 -18.72
CA VAL A 547 -12.47 23.07 -17.41
C VAL A 547 -11.83 21.71 -17.19
N PHE A 548 -10.51 21.66 -17.28
CA PHE A 548 -9.76 20.42 -17.14
C PHE A 548 -8.52 20.69 -16.32
N LEU A 549 -7.64 19.70 -16.23
CA LEU A 549 -6.38 19.90 -15.55
C LEU A 549 -5.55 20.92 -16.32
N PRO A 550 -4.67 21.67 -15.65
CA PRO A 550 -3.70 22.49 -16.39
C PRO A 550 -2.84 21.60 -17.27
N ASP A 551 -2.51 22.11 -18.46
CA ASP A 551 -1.85 21.34 -19.52
C ASP A 551 -2.45 19.94 -19.67
N GLN A 552 -3.77 19.84 -19.48
CA GLN A 552 -4.52 18.58 -19.57
C GLN A 552 -3.92 17.51 -18.67
N GLY A 553 -3.99 16.26 -19.08
CA GLY A 553 -3.45 15.15 -18.32
C GLY A 553 -1.98 14.93 -18.50
N ALA A 554 -1.27 15.90 -19.11
CA ALA A 554 0.14 15.75 -19.37
C ALA A 554 0.91 15.53 -18.08
N PHE A 555 0.44 16.11 -16.97
CA PHE A 555 1.12 15.90 -15.70
C PHE A 555 1.12 14.42 -15.31
N PHE A 556 -0.04 13.77 -15.40
CA PHE A 556 -0.11 12.37 -14.99
C PHE A 556 0.55 11.47 -16.01
N VAL A 557 0.52 11.83 -17.29
CA VAL A 557 1.26 11.06 -18.28
C VAL A 557 2.76 11.13 -18.00
N ASN A 558 3.25 12.33 -17.67
CA ASN A 558 4.66 12.48 -17.32
C ASN A 558 4.98 11.71 -16.04
N TYR A 559 4.05 11.67 -15.09
CA TYR A 559 4.28 10.90 -13.87
C TYR A 559 4.38 9.41 -14.19
N VAL A 560 3.52 8.91 -15.08
CA VAL A 560 3.59 7.50 -15.46
C VAL A 560 4.90 7.20 -16.17
N ILE A 561 5.33 8.11 -17.06
CA ILE A 561 6.59 7.91 -17.76
C ILE A 561 7.76 7.92 -16.78
N ALA A 562 7.72 8.82 -15.80
CA ALA A 562 8.79 8.89 -14.80
C ALA A 562 8.82 7.62 -13.95
N SER A 563 7.65 7.14 -13.55
CA SER A 563 7.59 5.88 -12.81
C SER A 563 7.92 4.70 -13.69
N ALA A 564 7.97 4.90 -15.01
CA ALA A 564 8.26 3.83 -15.96
C ALA A 564 9.75 3.68 -16.25
N PHE A 565 10.43 4.77 -16.57
CA PHE A 565 11.83 4.68 -16.97
C PHE A 565 12.79 5.07 -15.86
N ILE A 566 12.73 6.31 -15.40
CA ILE A 566 13.67 6.77 -14.38
C ILE A 566 13.35 6.13 -13.04
N GLY A 567 12.07 6.06 -12.68
CA GLY A 567 11.70 5.44 -11.43
C GLY A 567 12.05 3.97 -11.37
N ASN A 568 11.78 3.25 -12.46
CA ASN A 568 12.10 1.83 -12.49
C ASN A 568 13.60 1.60 -12.51
N GLY A 569 14.35 2.45 -13.23
CA GLY A 569 15.80 2.35 -13.19
C GLY A 569 16.35 2.57 -11.80
N MET A 570 15.82 3.57 -11.09
CA MET A 570 16.25 3.82 -9.71
C MET A 570 15.89 2.65 -8.80
N GLU A 571 14.71 2.07 -8.98
CA GLU A 571 14.31 0.96 -8.13
C GLU A 571 15.17 -0.28 -8.42
N LEU A 572 15.56 -0.48 -9.68
CA LEU A 572 16.50 -1.54 -10.01
C LEU A 572 17.85 -1.29 -9.37
N LEU A 573 18.35 -0.06 -9.46
CA LEU A 573 19.65 0.26 -8.87
C LEU A 573 19.65 0.15 -7.35
N ARG A 574 18.53 0.44 -6.70
CA ARG A 574 18.45 0.47 -5.24
C ARG A 574 19.54 1.38 -4.67
N LEU A 575 19.47 2.65 -5.03
CA LEU A 575 20.46 3.63 -4.62
C LEU A 575 20.51 3.80 -3.10
N PRO A 576 19.38 3.98 -2.41
CA PRO A 576 19.45 4.04 -0.94
C PRO A 576 20.02 2.78 -0.30
N GLY A 577 19.68 1.62 -0.84
CA GLY A 577 20.23 0.37 -0.31
C GLY A 577 21.73 0.28 -0.50
N LEU A 578 22.20 0.68 -1.69
CA LEU A 578 23.64 0.69 -1.95
C LEU A 578 24.37 1.67 -1.04
N ILE A 579 23.77 2.86 -0.83
CA ILE A 579 24.39 3.84 0.04
C ILE A 579 24.48 3.30 1.46
N LEU A 580 23.40 2.68 1.94
CA LEU A 580 23.42 2.10 3.28
C LEU A 580 24.44 0.97 3.38
N TYR A 581 24.55 0.16 2.33
CA TYR A 581 25.51 -0.95 2.34
C TYR A 581 26.94 -0.44 2.40
N THR A 582 27.26 0.59 1.62
CA THR A 582 28.60 1.15 1.65
C THR A 582 28.87 1.84 2.98
N PHE A 583 27.88 2.53 3.54
CA PHE A 583 28.03 3.17 4.84
C PHE A 583 28.27 2.13 5.93
N ARG A 584 27.61 0.96 5.80
CA ARG A 584 27.82 -0.11 6.78
C ARG A 584 29.21 -0.72 6.62
N MET A 585 29.71 -0.84 5.39
CA MET A 585 31.06 -1.35 5.18
C MET A 585 32.08 -0.37 5.77
N ILE A 586 31.88 0.93 5.55
CA ILE A 586 32.81 1.94 6.06
C ILE A 586 32.77 2.00 7.58
N MET A 587 31.57 2.10 8.15
CA MET A 587 31.39 2.38 9.58
C MET A 587 31.54 1.07 10.36
N ALA A 588 32.79 0.69 10.58
CA ALA A 588 33.14 -0.50 11.34
C ALA A 588 34.61 -0.41 11.70
N LYS A 589 35.14 -1.50 12.26
CA LYS A 589 36.55 -1.59 12.60
C LYS A 589 37.43 -1.84 11.37
N THR A 590 36.81 -2.04 10.20
CA THR A 590 37.47 -2.34 8.92
C THR A 590 38.56 -3.41 9.06
N ALA A 591 38.41 -4.28 10.06
CA ALA A 591 39.34 -5.38 10.26
C ALA A 591 38.61 -6.71 10.13
N ALA A 592 37.54 -6.89 10.90
CA ALA A 592 36.77 -8.12 10.89
C ALA A 592 35.60 -8.10 9.91
N ASP A 593 35.30 -6.95 9.31
CA ASP A 593 34.21 -6.87 8.36
C ASP A 593 34.69 -7.26 6.96
N ARG A 594 33.84 -7.00 5.95
CA ARG A 594 34.02 -7.43 4.56
C ARG A 594 33.79 -8.92 4.44
N ARG A 595 33.60 -9.59 5.59
CA ARG A 595 33.16 -10.98 5.60
C ARG A 595 31.70 -11.08 6.01
N ASN A 596 31.29 -10.25 6.97
CA ASN A 596 29.88 -10.05 7.26
C ASN A 596 29.35 -8.94 6.37
N VAL A 597 28.17 -8.41 6.69
CA VAL A 597 27.53 -7.34 5.93
C VAL A 597 27.06 -7.86 4.58
N LYS A 598 27.94 -8.57 3.87
CA LYS A 598 27.56 -9.14 2.57
C LYS A 598 26.45 -10.18 2.74
N GLN A 599 26.54 -11.03 3.76
CA GLN A 599 25.52 -12.05 3.95
C GLN A 599 24.22 -11.44 4.47
N ASN A 600 24.29 -10.51 5.42
CA ASN A 600 23.08 -9.99 6.04
C ASN A 600 22.52 -8.79 5.28
N GLN A 601 23.14 -8.40 4.17
CA GLN A 601 22.59 -7.33 3.35
C GLN A 601 21.26 -7.74 2.74
N ALA A 602 21.13 -9.00 2.34
CA ALA A 602 19.93 -9.45 1.66
C ALA A 602 18.75 -9.55 2.62
N PHE A 603 17.61 -9.00 2.18
CA PHE A 603 16.36 -9.13 2.90
C PHE A 603 15.31 -9.67 1.93
N GLN A 604 14.38 -10.46 2.45
CA GLN A 604 13.53 -11.30 1.60
C GLN A 604 12.75 -10.49 0.56
N TYR A 605 11.79 -9.70 1.00
CA TYR A 605 11.06 -8.80 0.11
C TYR A 605 10.08 -7.95 0.91
N GLU A 606 9.37 -7.06 0.21
CA GLU A 606 8.36 -6.20 0.78
C GLU A 606 7.08 -6.33 -0.03
N PHE A 607 6.63 -7.57 -0.26
CA PHE A 607 5.47 -7.86 -1.11
C PHE A 607 4.35 -6.84 -0.94
N GLY A 608 4.06 -6.45 0.29
CA GLY A 608 3.05 -5.45 0.54
C GLY A 608 3.39 -4.11 -0.07
N ALA A 609 4.64 -3.65 0.14
CA ALA A 609 5.05 -2.37 -0.41
C ALA A 609 5.06 -2.41 -1.94
N MET A 610 5.51 -3.52 -2.51
CA MET A 610 5.56 -3.62 -3.97
C MET A 610 4.15 -3.66 -4.56
N TYR A 611 3.24 -4.39 -3.93
CA TYR A 611 1.84 -4.37 -4.36
C TYR A 611 1.27 -2.96 -4.26
N ALA A 612 1.56 -2.25 -3.17
CA ALA A 612 1.04 -0.91 -3.02
C ALA A 612 1.55 0.02 -4.10
N TRP A 613 2.86 -0.04 -4.40
CA TRP A 613 3.43 0.81 -5.43
C TRP A 613 2.86 0.49 -6.81
N MET A 614 2.85 -0.80 -7.17
CA MET A 614 2.32 -1.20 -8.46
C MET A 614 0.86 -0.80 -8.59
N LEU A 615 0.08 -0.98 -7.52
CA LEU A 615 -1.33 -0.64 -7.58
C LEU A 615 -1.55 0.86 -7.66
N CYS A 616 -0.70 1.65 -6.99
CA CYS A 616 -0.81 3.10 -7.11
C CYS A 616 -0.57 3.54 -8.54
N VAL A 617 0.51 3.06 -9.17
CA VAL A 617 0.78 3.47 -10.55
C VAL A 617 -0.28 2.91 -11.49
N PHE A 618 -0.78 1.70 -11.24
CA PHE A 618 -1.81 1.11 -12.08
C PHE A 618 -3.11 1.89 -11.99
N THR A 619 -3.45 2.36 -10.79
CA THR A 619 -4.62 3.23 -10.65
C THR A 619 -4.41 4.54 -11.38
N VAL A 620 -3.20 5.09 -11.32
CA VAL A 620 -2.91 6.32 -12.07
C VAL A 620 -3.12 6.08 -13.57
N ILE A 621 -2.70 4.93 -14.07
CA ILE A 621 -2.89 4.61 -15.49
C ILE A 621 -4.37 4.45 -15.81
N VAL A 622 -5.10 3.68 -14.98
CA VAL A 622 -6.46 3.31 -15.32
C VAL A 622 -7.40 4.52 -15.21
N ALA A 623 -7.22 5.34 -14.17
CA ALA A 623 -8.08 6.50 -13.99
C ALA A 623 -8.03 7.45 -15.18
N TYR A 624 -6.94 7.45 -15.93
CA TYR A 624 -6.82 8.25 -17.14
C TYR A 624 -6.74 7.37 -18.38
N SER A 625 -7.33 6.17 -18.32
CA SER A 625 -7.31 5.30 -19.49
C SER A 625 -8.28 5.79 -20.56
N ILE A 626 -9.47 6.22 -20.15
CA ILE A 626 -10.48 6.73 -21.08
C ILE A 626 -10.22 8.22 -21.28
N THR A 627 -10.37 8.99 -20.21
CA THR A 627 -9.96 10.38 -20.21
C THR A 627 -8.45 10.48 -20.43
N CYS A 628 -8.04 11.22 -21.45
CA CYS A 628 -6.63 11.33 -21.83
C CYS A 628 -6.09 9.94 -22.15
N PRO A 629 -6.51 9.33 -23.26
CA PRO A 629 -6.20 7.91 -23.49
C PRO A 629 -4.75 7.63 -23.84
N ILE A 630 -3.93 8.65 -24.05
CA ILE A 630 -2.54 8.44 -24.45
C ILE A 630 -1.76 7.74 -23.34
N ILE A 631 -2.29 7.77 -22.11
CA ILE A 631 -1.53 7.26 -20.98
C ILE A 631 -1.52 5.74 -20.97
N ALA A 632 -2.41 5.09 -21.73
CA ALA A 632 -2.49 3.62 -21.69
C ALA A 632 -1.25 2.93 -22.23
N PRO A 633 -0.73 3.27 -23.43
CA PRO A 633 0.51 2.62 -23.87
C PRO A 633 1.69 2.90 -22.95
N PHE A 634 1.75 4.09 -22.36
CA PHE A 634 2.84 4.40 -21.44
C PHE A 634 2.72 3.59 -20.16
N GLY A 635 1.49 3.37 -19.69
CA GLY A 635 1.30 2.47 -18.57
C GLY A 635 1.67 1.04 -18.91
N LEU A 636 1.38 0.61 -20.13
CA LEU A 636 1.81 -0.71 -20.57
C LEU A 636 3.33 -0.83 -20.56
N ILE A 637 4.02 0.21 -21.04
CA ILE A 637 5.49 0.20 -21.02
C ILE A 637 5.99 0.15 -19.59
N TYR A 638 5.37 0.93 -18.70
CA TYR A 638 5.74 0.91 -17.29
C TYR A 638 5.60 -0.48 -16.71
N ILE A 639 4.47 -1.14 -16.95
CA ILE A 639 4.22 -2.43 -16.32
C ILE A 639 5.10 -3.52 -16.91
N LEU A 640 5.42 -3.43 -18.21
CA LEU A 640 6.36 -4.37 -18.80
C LEU A 640 7.74 -4.21 -18.17
N LEU A 641 8.19 -2.97 -18.03
CA LEU A 641 9.50 -2.72 -17.40
C LEU A 641 9.51 -3.19 -15.95
N LYS A 642 8.40 -2.96 -15.24
CA LYS A 642 8.30 -3.41 -13.85
C LYS A 642 8.34 -4.93 -13.76
N HIS A 643 7.65 -5.61 -14.68
CA HIS A 643 7.71 -7.07 -14.70
C HIS A 643 9.12 -7.55 -14.92
N MET A 644 9.83 -6.95 -15.88
CA MET A 644 11.21 -7.38 -16.14
C MET A 644 12.09 -7.14 -14.92
N VAL A 645 11.96 -5.97 -14.30
CA VAL A 645 12.83 -5.62 -13.17
C VAL A 645 12.55 -6.53 -11.99
N ASP A 646 11.27 -6.80 -11.70
CA ASP A 646 10.94 -7.63 -10.54
C ASP A 646 11.27 -9.10 -10.83
N ARG A 647 11.16 -9.51 -12.08
CA ARG A 647 11.59 -10.84 -12.48
C ARG A 647 13.08 -11.02 -12.24
N HIS A 648 13.86 -9.96 -12.48
CA HIS A 648 15.27 -9.98 -12.14
C HIS A 648 15.49 -9.99 -10.64
N ASN A 649 14.80 -9.12 -9.91
CA ASN A 649 15.07 -8.92 -8.49
C ASN A 649 14.71 -10.15 -7.66
N LEU A 650 13.61 -10.81 -8.01
CA LEU A 650 13.10 -11.90 -7.18
C LEU A 650 13.92 -13.18 -7.28
N TYR A 651 15.00 -13.13 -8.06
CA TYR A 651 15.88 -14.30 -8.18
C TYR A 651 17.33 -13.91 -7.90
N PHE A 652 17.70 -12.69 -8.27
CA PHE A 652 19.11 -12.34 -8.36
C PHE A 652 19.63 -11.65 -7.11
N VAL A 653 18.79 -10.87 -6.43
CA VAL A 653 19.27 -10.10 -5.28
C VAL A 653 18.50 -10.46 -4.01
N TYR A 654 17.17 -10.57 -4.13
CA TYR A 654 16.34 -10.67 -2.94
C TYR A 654 16.16 -12.12 -2.50
N LEU A 655 16.06 -12.31 -1.19
CA LEU A 655 15.90 -13.63 -0.58
C LEU A 655 14.47 -14.11 -0.78
N PRO A 656 14.22 -15.42 -0.64
CA PRO A 656 12.84 -15.92 -0.76
C PRO A 656 11.94 -15.42 0.35
N ALA A 657 10.64 -15.33 0.07
CA ALA A 657 9.66 -14.79 1.01
C ALA A 657 8.55 -15.81 1.23
N LYS A 658 7.93 -15.76 2.41
CA LYS A 658 6.83 -16.65 2.77
C LYS A 658 5.64 -15.86 3.30
N LEU A 659 5.22 -14.83 2.58
CA LEU A 659 4.10 -14.01 3.01
C LEU A 659 2.80 -14.81 2.95
N GLU A 660 1.79 -14.30 3.65
CA GLU A 660 0.48 -14.94 3.68
C GLU A 660 -0.29 -14.60 2.42
N LYS A 661 -1.20 -15.50 2.04
CA LYS A 661 -2.00 -15.29 0.83
C LYS A 661 -2.94 -14.10 0.98
N GLY A 662 -3.15 -13.63 2.21
CA GLY A 662 -3.97 -12.45 2.42
C GLY A 662 -3.45 -11.23 1.70
N ILE A 663 -2.13 -11.07 1.63
CA ILE A 663 -1.55 -9.95 0.91
C ILE A 663 -1.93 -9.99 -0.56
N HIS A 664 -1.79 -11.15 -1.19
CA HIS A 664 -2.13 -11.28 -2.60
C HIS A 664 -3.62 -11.05 -2.83
N PHE A 665 -4.47 -11.60 -1.96
CA PHE A 665 -5.90 -11.45 -2.14
C PHE A 665 -6.34 -10.00 -1.96
N ALA A 666 -5.74 -9.30 -0.99
CA ALA A 666 -6.05 -7.89 -0.82
C ALA A 666 -5.52 -7.06 -1.98
N ALA A 667 -4.39 -7.46 -2.57
CA ALA A 667 -3.92 -6.79 -3.77
C ALA A 667 -4.89 -6.99 -4.93
N VAL A 668 -5.44 -8.20 -5.06
CA VAL A 668 -6.46 -8.46 -6.09
C VAL A 668 -7.68 -7.58 -5.85
N ASN A 669 -8.14 -7.51 -4.60
CA ASN A 669 -9.24 -6.63 -4.25
C ASN A 669 -8.90 -5.16 -4.46
N GLN A 670 -7.61 -4.82 -4.42
CA GLN A 670 -7.16 -3.46 -4.69
C GLN A 670 -7.22 -3.14 -6.17
N ALA A 671 -6.93 -4.12 -7.03
CA ALA A 671 -6.96 -3.91 -8.47
C ALA A 671 -8.35 -3.54 -8.97
N LEU A 672 -9.40 -4.07 -8.33
CA LEU A 672 -10.76 -3.74 -8.74
C LEU A 672 -11.13 -2.30 -8.39
N ALA A 673 -10.34 -1.63 -7.54
CA ALA A 673 -10.62 -0.25 -7.20
C ALA A 673 -10.19 0.70 -8.30
N ALA A 674 -9.26 0.28 -9.16
CA ALA A 674 -8.80 1.17 -10.24
C ALA A 674 -9.91 1.52 -11.23
N PRO A 675 -10.67 0.57 -11.78
CA PRO A 675 -11.78 0.99 -12.66
C PRO A 675 -12.85 1.79 -11.95
N ILE A 676 -13.12 1.48 -10.67
CA ILE A 676 -14.08 2.26 -9.92
C ILE A 676 -13.63 3.71 -9.81
N LEU A 677 -12.36 3.92 -9.50
CA LEU A 677 -11.81 5.27 -9.41
C LEU A 677 -11.79 5.95 -10.77
N CYS A 678 -11.53 5.20 -11.83
CA CYS A 678 -11.58 5.75 -13.18
C CYS A 678 -12.98 6.27 -13.51
N LEU A 679 -13.99 5.45 -13.23
CA LEU A 679 -15.35 5.88 -13.53
C LEU A 679 -15.76 7.04 -12.63
N PHE A 680 -15.27 7.07 -11.39
CA PHE A 680 -15.55 8.19 -10.51
C PHE A 680 -14.95 9.48 -11.07
N TRP A 681 -13.72 9.41 -11.59
CA TRP A 681 -13.13 10.62 -12.16
C TRP A 681 -13.79 11.01 -13.46
N LEU A 682 -14.26 10.04 -14.25
CA LEU A 682 -15.07 10.37 -15.41
C LEU A 682 -16.32 11.13 -15.00
N TYR A 683 -17.00 10.66 -13.96
CA TYR A 683 -18.17 11.38 -13.46
C TYR A 683 -17.80 12.77 -12.97
N PHE A 684 -16.69 12.88 -12.25
CA PHE A 684 -16.28 14.16 -11.68
C PHE A 684 -15.98 15.17 -12.77
N PHE A 685 -15.24 14.76 -13.81
CA PHE A 685 -14.92 15.70 -14.89
C PHE A 685 -16.15 16.02 -15.73
N SER A 686 -17.00 15.04 -15.99
CA SER A 686 -18.23 15.31 -16.72
C SER A 686 -19.13 16.27 -15.97
N PHE A 687 -19.23 16.11 -14.64
CA PHE A 687 -20.01 17.03 -13.83
C PHE A 687 -19.39 18.42 -13.82
N LEU A 688 -18.07 18.51 -13.74
CA LEU A 688 -17.41 19.81 -13.75
C LEU A 688 -17.65 20.54 -15.06
N ARG A 689 -17.61 19.82 -16.18
CA ARG A 689 -17.75 20.46 -17.49
C ARG A 689 -19.22 20.76 -17.80
N LEU A 690 -20.05 19.73 -17.87
CA LEU A 690 -21.47 19.88 -18.15
C LEU A 690 -22.29 19.50 -16.93
N GLY A 691 -23.45 20.16 -16.79
CA GLY A 691 -24.23 20.04 -15.58
C GLY A 691 -24.91 18.70 -15.42
N MET A 692 -25.46 18.49 -14.21
CA MET A 692 -26.17 17.26 -13.92
C MET A 692 -27.47 17.14 -14.72
N LYS A 693 -27.97 18.24 -15.28
CA LYS A 693 -29.15 18.17 -16.14
C LYS A 693 -28.86 17.45 -17.44
N ALA A 694 -27.59 17.22 -17.77
CA ALA A 694 -27.18 16.53 -18.98
C ALA A 694 -27.28 15.02 -18.79
N PRO A 695 -27.79 14.32 -19.80
CA PRO A 695 -27.95 12.86 -19.67
C PRO A 695 -26.65 12.13 -19.42
N ALA A 696 -25.52 12.67 -19.86
CA ALA A 696 -24.23 12.02 -19.63
C ALA A 696 -23.96 11.87 -18.14
N THR A 697 -24.07 12.97 -17.39
CA THR A 697 -23.95 12.89 -15.94
C THR A 697 -25.13 12.20 -15.28
N LEU A 698 -26.33 12.31 -15.86
CA LEU A 698 -27.49 11.63 -15.29
C LEU A 698 -27.33 10.11 -15.36
N PHE A 699 -26.54 9.63 -16.31
CA PHE A 699 -26.33 8.19 -16.49
C PHE A 699 -25.05 7.69 -15.81
N THR A 700 -23.97 8.47 -15.88
CA THR A 700 -22.72 8.00 -15.28
C THR A 700 -22.84 7.92 -13.77
N PHE A 701 -23.59 8.84 -13.16
CA PHE A 701 -23.80 8.79 -11.71
C PHE A 701 -24.52 7.52 -11.30
N LEU A 702 -25.57 7.14 -12.03
CA LEU A 702 -26.29 5.92 -11.66
C LEU A 702 -25.42 4.68 -11.89
N VAL A 703 -24.62 4.68 -12.97
CA VAL A 703 -23.72 3.56 -13.19
C VAL A 703 -22.70 3.46 -12.04
N LEU A 704 -22.14 4.59 -11.63
CA LEU A 704 -21.18 4.59 -10.51
C LEU A 704 -21.84 4.12 -9.22
N LEU A 705 -23.08 4.55 -8.98
CA LEU A 705 -23.79 4.11 -7.79
C LEU A 705 -23.99 2.61 -7.79
N LEU A 706 -24.40 2.04 -8.93
CA LEU A 706 -24.59 0.60 -9.01
C LEU A 706 -23.26 -0.14 -8.83
N THR A 707 -22.18 0.38 -9.41
CA THR A 707 -20.88 -0.29 -9.28
C THR A 707 -20.38 -0.26 -7.85
N ILE A 708 -20.57 0.88 -7.16
CA ILE A 708 -20.20 0.95 -5.75
C ILE A 708 -21.05 -0.01 -4.93
N LEU A 709 -22.35 -0.10 -5.24
CA LEU A 709 -23.22 -1.03 -4.53
C LEU A 709 -22.76 -2.47 -4.72
N VAL A 710 -22.36 -2.84 -5.93
CA VAL A 710 -21.85 -4.18 -6.18
C VAL A 710 -20.36 -4.24 -5.89
#